data_3T4J
#
_entry.id   3T4J
#
_cell.length_a   59.870
_cell.length_b   59.870
_cell.length_c   297.340
_cell.angle_alpha   90.00
_cell.angle_beta   90.00
_cell.angle_gamma   120.00
#
_symmetry.space_group_name_H-M   'P 32 2 1'
#
loop_
_entity.id
_entity.type
_entity.pdbx_description
1 polymer 'Histidine kinase 4'
2 non-polymer N-(3-METHYLBUT-2-EN-1-YL)-9H-PURIN-6-AMINE
3 non-polymer 'MALONATE ION'
4 water water
#
_entity_poly.entity_id   1
_entity_poly.type   'polypeptide(L)'
_entity_poly.pdbx_seq_one_letter_code
;MDDANKIRREEVLVSMCDQRARMLQDQFSVSVNHVHALAILVSTFHYHKNPSAIDQETFAEYTARTAFERPLLSGVAYAE
KVVNFEREMFERQHNWVIKTMDRGEPSPVRDEYAPVIFSQDSVSYLESLDMMSGEEDRENILRARETGKAVLTSPFRLLE
THHLGVVLTFPVYKSSLPENPTVEERIAATAGYLGGAFDVESLVENLLGQLAGNQAIVVHVYDITNASDPLVMYGNQDEE
ADRSLSHESKLDFGDPFRKHKMICRYHQKA
;
_entity_poly.pdbx_strand_id   A,B
#
# COMPACT_ATOMS: atom_id res chain seq x y z
N MET A 1 17.96 -11.91 -40.54
CA MET A 1 17.32 -12.29 -41.83
C MET A 1 16.44 -13.53 -41.69
N ASP A 2 17.02 -14.59 -41.10
CA ASP A 2 16.43 -15.96 -41.09
C ASP A 2 14.97 -16.02 -40.58
N ASP A 3 14.20 -16.96 -41.12
CA ASP A 3 12.83 -17.21 -40.64
C ASP A 3 12.80 -17.77 -39.21
N ALA A 4 13.77 -18.62 -38.87
CA ALA A 4 13.87 -19.14 -37.50
C ALA A 4 14.23 -18.03 -36.51
N ASN A 5 15.18 -17.19 -36.88
CA ASN A 5 15.56 -16.04 -36.05
C ASN A 5 14.42 -15.01 -35.93
N LYS A 6 13.58 -14.90 -36.96
CA LYS A 6 12.38 -14.04 -36.89
C LYS A 6 11.34 -14.54 -35.88
N ILE A 7 11.18 -15.86 -35.75
CA ILE A 7 10.26 -16.41 -34.74
C ILE A 7 10.72 -16.07 -33.33
N ARG A 8 12.01 -16.26 -33.07
CA ARG A 8 12.59 -15.86 -31.79
C ARG A 8 12.53 -14.34 -31.57
N ARG A 9 12.72 -13.55 -32.62
CA ARG A 9 12.60 -12.08 -32.53
CA ARG A 9 12.60 -12.08 -32.51
C ARG A 9 11.21 -11.66 -32.05
N GLU A 10 10.17 -12.31 -32.58
CA GLU A 10 8.81 -12.07 -32.13
C GLU A 10 8.61 -12.58 -30.70
N GLU A 11 9.17 -13.74 -30.39
CA GLU A 11 9.03 -14.29 -29.02
C GLU A 11 9.59 -13.33 -27.99
N VAL A 12 10.71 -12.67 -28.34
CA VAL A 12 11.34 -11.74 -27.41
C VAL A 12 10.47 -10.48 -27.27
N LEU A 13 9.93 -9.98 -28.38
CA LEU A 13 9.05 -8.80 -28.33
C LEU A 13 7.83 -9.05 -27.44
N VAL A 14 7.19 -10.21 -27.62
CA VAL A 14 6.05 -10.61 -26.80
C VAL A 14 6.41 -10.59 -25.32
N SER A 15 7.51 -11.27 -24.99
CA SER A 15 7.97 -11.33 -23.59
C SER A 15 8.28 -9.95 -23.00
N MET A 16 9.01 -9.13 -23.75
CA MET A 16 9.38 -7.78 -23.27
C MET A 16 8.17 -6.90 -23.07
N CYS A 17 7.23 -6.95 -24.03
CA CYS A 17 6.04 -6.12 -23.98
C CYS A 17 5.13 -6.58 -22.82
N ASP A 18 4.87 -7.87 -22.74
CA ASP A 18 4.04 -8.43 -21.66
C ASP A 18 4.61 -8.11 -20.29
N GLN A 19 5.94 -8.19 -20.13
CA GLN A 19 6.54 -7.84 -18.84
C GLN A 19 6.34 -6.37 -18.49
N ARG A 20 6.56 -5.47 -19.45
CA ARG A 20 6.36 -4.04 -19.21
C ARG A 20 4.91 -3.71 -18.85
N ALA A 21 3.97 -4.37 -19.53
CA ALA A 21 2.54 -4.17 -19.25
C ALA A 21 2.21 -4.65 -17.84
N ARG A 22 2.70 -5.81 -17.46
CA ARG A 22 2.49 -6.32 -16.10
C ARG A 22 3.05 -5.34 -15.06
N MET A 23 4.26 -4.82 -15.29
CA MET A 23 4.86 -3.86 -14.35
C MET A 23 4.02 -2.60 -14.21
N LEU A 24 3.56 -2.06 -15.34
CA LEU A 24 2.75 -0.86 -15.33
CA LEU A 24 2.75 -0.84 -15.30
C LEU A 24 1.44 -1.11 -14.57
N GLN A 25 0.77 -2.22 -14.88
CA GLN A 25 -0.51 -2.53 -14.26
C GLN A 25 -0.33 -2.74 -12.74
N ASP A 26 0.72 -3.46 -12.36
CA ASP A 26 0.94 -3.76 -10.95
CA ASP A 26 0.97 -3.77 -10.94
C ASP A 26 1.27 -2.50 -10.17
N GLN A 27 2.16 -1.68 -10.73
CA GLN A 27 2.54 -0.39 -10.13
CA GLN A 27 2.52 -0.46 -10.01
C GLN A 27 1.35 0.51 -9.93
N PHE A 28 0.45 0.54 -10.92
CA PHE A 28 -0.70 1.40 -10.80
CA PHE A 28 -0.75 1.35 -10.87
C PHE A 28 -1.65 0.88 -9.73
N SER A 29 -1.85 -0.43 -9.69
CA SER A 29 -2.71 -1.08 -8.70
C SER A 29 -2.24 -0.77 -7.28
N VAL A 30 -0.93 -0.88 -7.08
CA VAL A 30 -0.32 -0.55 -5.79
C VAL A 30 -0.61 0.90 -5.41
N SER A 31 -0.47 1.81 -6.37
CA SER A 31 -0.75 3.23 -6.14
C SER A 31 -2.22 3.50 -5.81
N VAL A 32 -3.14 2.90 -6.55
CA VAL A 32 -4.57 3.05 -6.28
C VAL A 32 -4.88 2.56 -4.86
N ASN A 33 -4.30 1.43 -4.47
CA ASN A 33 -4.60 0.90 -3.15
C ASN A 33 -4.16 1.84 -2.04
N HIS A 34 -3.02 2.49 -2.23
CA HIS A 34 -2.52 3.42 -1.20
C HIS A 34 -3.29 4.74 -1.22
N VAL A 35 -3.82 5.15 -2.38
CA VAL A 35 -4.75 6.28 -2.40
C VAL A 35 -6.02 5.94 -1.62
N HIS A 36 -6.51 4.71 -1.73
CA HIS A 36 -7.69 4.30 -1.00
C HIS A 36 -7.39 4.45 0.52
N ALA A 37 -6.21 4.00 0.93
CA ALA A 37 -5.82 4.16 2.33
C ALA A 37 -5.82 5.63 2.75
N LEU A 38 -5.35 6.53 1.90
CA LEU A 38 -5.35 7.96 2.22
C LEU A 38 -6.77 8.51 2.38
N ALA A 39 -7.68 8.06 1.53
CA ALA A 39 -9.08 8.44 1.65
C ALA A 39 -9.63 8.00 3.01
N ILE A 40 -9.31 6.78 3.43
CA ILE A 40 -9.70 6.27 4.75
C ILE A 40 -9.04 7.10 5.86
N LEU A 41 -7.77 7.45 5.65
CA LEU A 41 -7.03 8.34 6.61
C LEU A 41 -7.75 9.66 6.81
N VAL A 42 -8.11 10.33 5.72
CA VAL A 42 -8.84 11.60 5.85
C VAL A 42 -10.18 11.37 6.58
N SER A 43 -10.92 10.34 6.20
CA SER A 43 -12.18 10.04 6.90
C SER A 43 -11.98 9.85 8.41
N THR A 44 -11.00 9.06 8.79
CA THR A 44 -10.83 8.63 10.18
C THR A 44 -10.24 9.78 10.99
N PHE A 45 -9.19 10.41 10.45
CA PHE A 45 -8.39 11.36 11.26
C PHE A 45 -8.82 12.80 11.10
N HIS A 46 -9.50 13.16 10.01
CA HIS A 46 -9.96 14.53 9.83
C HIS A 46 -11.43 14.67 10.21
N TYR A 47 -12.30 13.82 9.65
CA TYR A 47 -13.72 13.91 9.92
C TYR A 47 -14.18 13.23 11.20
N HIS A 48 -13.85 11.96 11.40
CA HIS A 48 -14.34 11.24 12.53
C HIS A 48 -13.75 11.72 13.85
N LYS A 49 -12.46 12.03 13.86
CA LYS A 49 -11.80 12.46 15.09
C LYS A 49 -12.23 13.88 15.44
N ASN A 50 -12.46 14.10 16.72
CA ASN A 50 -12.92 15.38 17.25
C ASN A 50 -11.90 15.79 18.32
N PRO A 51 -11.02 16.75 17.98
CA PRO A 51 -10.88 17.54 16.79
C PRO A 51 -10.09 16.84 15.71
N SER A 52 -10.16 17.35 14.49
CA SER A 52 -9.31 16.89 13.41
C SER A 52 -7.83 16.81 13.80
N ALA A 53 -7.19 15.73 13.39
CA ALA A 53 -5.73 15.56 13.52
C ALA A 53 -5.01 15.97 12.23
N ILE A 54 -5.74 16.32 11.18
CA ILE A 54 -5.09 16.64 9.93
C ILE A 54 -5.19 18.13 9.58
N ASP A 55 -4.05 18.79 9.59
CA ASP A 55 -3.88 20.10 8.96
C ASP A 55 -2.98 19.92 7.74
N GLN A 56 -2.78 21.00 7.01
CA GLN A 56 -1.97 20.92 5.79
C GLN A 56 -0.59 20.36 6.11
N GLU A 57 0.01 20.83 7.20
CA GLU A 57 1.36 20.40 7.56
CA GLU A 57 1.35 20.42 7.57
C GLU A 57 1.41 18.89 7.79
N THR A 58 0.42 18.36 8.49
CA THR A 58 0.35 16.92 8.76
C THR A 58 0.14 16.10 7.48
N PHE A 59 -0.79 16.56 6.64
CA PHE A 59 -1.04 15.89 5.37
C PHE A 59 0.22 15.86 4.50
N ALA A 60 0.89 17.01 4.41
CA ALA A 60 2.12 17.11 3.63
C ALA A 60 3.20 16.17 4.14
N GLU A 61 3.35 16.09 5.46
CA GLU A 61 4.37 15.23 6.04
C GLU A 61 4.07 13.78 5.77
N TYR A 62 2.85 13.34 6.07
CA TYR A 62 2.50 11.96 5.90
C TYR A 62 2.61 11.48 4.42
N THR A 63 2.13 12.31 3.49
CA THR A 63 2.18 11.96 2.09
C THR A 63 3.61 12.00 1.53
N ALA A 64 4.45 12.91 2.02
CA ALA A 64 5.84 12.91 1.60
C ALA A 64 6.55 11.61 2.04
N ARG A 65 6.37 11.25 3.31
CA ARG A 65 7.05 10.08 3.89
C ARG A 65 6.55 8.77 3.27
N THR A 66 5.32 8.79 2.75
CA THR A 66 4.73 7.62 2.09
C THR A 66 4.71 7.68 0.56
N ALA A 67 5.47 8.61 0.00
CA ALA A 67 5.48 8.77 -1.46
C ALA A 67 5.88 7.48 -2.17
N PHE A 68 6.73 6.67 -1.53
CA PHE A 68 7.17 5.39 -2.11
C PHE A 68 6.06 4.35 -2.23
N GLU A 69 4.97 4.54 -1.51
CA GLU A 69 3.83 3.67 -1.58
C GLU A 69 3.01 3.90 -2.85
N ARG A 70 3.24 5.04 -3.52
CA ARG A 70 2.43 5.44 -4.67
C ARG A 70 3.33 5.71 -5.88
N PRO A 71 3.95 4.65 -6.41
CA PRO A 71 4.99 4.85 -7.41
C PRO A 71 4.55 5.55 -8.67
N LEU A 72 3.32 5.42 -9.12
CA LEU A 72 3.08 6.08 -10.43
C LEU A 72 2.44 7.48 -10.28
N LEU A 73 2.32 7.92 -9.03
CA LEU A 73 1.68 9.21 -8.74
C LEU A 73 2.70 10.32 -8.43
N SER A 74 2.56 11.46 -9.06
CA SER A 74 3.44 12.59 -8.80
C SER A 74 3.03 13.37 -7.55
N GLY A 75 1.77 13.25 -7.15
CA GLY A 75 1.26 13.98 -6.01
C GLY A 75 -0.16 13.53 -5.71
N VAL A 76 -0.57 13.73 -4.45
CA VAL A 76 -1.95 13.51 -4.01
C VAL A 76 -2.44 14.74 -3.26
N ALA A 77 -3.76 14.93 -3.26
CA ALA A 77 -4.37 16.06 -2.61
C ALA A 77 -5.81 15.69 -2.22
N TYR A 78 -6.35 16.45 -1.28
CA TYR A 78 -7.73 16.28 -0.84
C TYR A 78 -8.51 17.56 -1.07
N ALA A 79 -9.61 17.40 -1.82
CA ALA A 79 -10.53 18.49 -2.16
C ALA A 79 -11.83 18.29 -1.38
N GLU A 80 -12.29 19.33 -0.72
CA GLU A 80 -13.54 19.25 0.03
C GLU A 80 -14.72 19.72 -0.81
N LYS A 81 -15.84 19.02 -0.70
CA LYS A 81 -17.08 19.46 -1.33
C LYS A 81 -17.59 20.71 -0.62
N VAL A 82 -17.86 21.78 -1.38
CA VAL A 82 -18.42 23.01 -0.86
C VAL A 82 -19.56 23.40 -1.76
N VAL A 83 -20.76 23.44 -1.23
CA VAL A 83 -21.88 23.95 -2.06
CA VAL A 83 -21.92 23.92 -1.99
C VAL A 83 -21.96 25.46 -1.95
N ASN A 84 -22.59 26.10 -2.94
CA ASN A 84 -22.53 27.56 -2.98
C ASN A 84 -23.07 28.27 -1.73
N PHE A 85 -24.10 27.71 -1.12
CA PHE A 85 -24.70 28.36 0.06
CA PHE A 85 -24.71 28.26 0.07
C PHE A 85 -23.69 28.45 1.19
N GLU A 86 -22.68 27.57 1.19
CA GLU A 86 -21.61 27.49 2.18
C GLU A 86 -20.34 28.25 1.82
N ARG A 87 -20.23 28.75 0.59
CA ARG A 87 -18.93 29.20 0.09
C ARG A 87 -18.36 30.36 0.93
N GLU A 88 -19.17 31.37 1.20
CA GLU A 88 -18.65 32.53 1.98
C GLU A 88 -18.15 32.09 3.36
N MET A 89 -18.91 31.22 4.02
CA MET A 89 -18.52 30.64 5.29
CA MET A 89 -18.48 30.68 5.30
C MET A 89 -17.16 29.92 5.19
N PHE A 90 -17.05 29.02 4.21
CA PHE A 90 -15.82 28.24 3.97
C PHE A 90 -14.61 29.17 3.76
N GLU A 91 -14.79 30.17 2.90
CA GLU A 91 -13.69 31.10 2.61
C GLU A 91 -13.26 31.92 3.81
N ARG A 92 -14.22 32.36 4.62
CA ARG A 92 -13.92 33.11 5.84
CA ARG A 92 -13.89 33.11 5.82
C ARG A 92 -13.15 32.23 6.82
N GLN A 93 -13.56 30.98 6.96
CA GLN A 93 -12.90 30.08 7.92
C GLN A 93 -11.49 29.78 7.47
N HIS A 94 -11.31 29.51 6.17
CA HIS A 94 -9.97 29.18 5.64
C HIS A 94 -9.09 30.40 5.38
N ASN A 95 -9.71 31.56 5.28
CA ASN A 95 -9.00 32.82 5.01
C ASN A 95 -8.37 32.86 3.62
N TRP A 96 -9.09 32.27 2.68
CA TRP A 96 -8.76 32.34 1.28
C TRP A 96 -9.96 32.08 0.43
N VAL A 97 -9.87 32.55 -0.81
CA VAL A 97 -10.95 32.48 -1.79
CA VAL A 97 -10.98 32.40 -1.74
C VAL A 97 -10.75 31.24 -2.68
N ILE A 98 -11.83 30.55 -3.01
CA ILE A 98 -11.79 29.47 -3.97
C ILE A 98 -11.40 30.01 -5.36
N LYS A 99 -10.44 29.36 -6.01
CA LYS A 99 -9.91 29.83 -7.27
C LYS A 99 -10.21 28.87 -8.42
N THR A 100 -10.16 29.38 -9.64
CA THR A 100 -10.29 28.54 -10.84
C THR A 100 -8.93 27.97 -11.23
N MET A 101 -8.93 26.79 -11.82
CA MET A 101 -7.64 26.17 -12.14
C MET A 101 -6.99 26.77 -13.36
N ASP A 102 -7.77 27.39 -14.24
CA ASP A 102 -7.20 27.85 -15.49
C ASP A 102 -6.34 29.11 -15.31
N ARG A 103 -6.70 29.99 -14.38
CA ARG A 103 -5.92 31.21 -14.12
C ARG A 103 -5.58 31.51 -12.64
N GLY A 104 -6.03 30.67 -11.72
CA GLY A 104 -5.87 30.96 -10.30
C GLY A 104 -6.62 32.23 -9.92
N GLU A 105 -7.69 32.56 -10.63
CA GLU A 105 -8.52 33.71 -10.30
C GLU A 105 -9.68 33.29 -9.40
N PRO A 106 -10.22 34.25 -8.61
CA PRO A 106 -11.39 33.90 -7.79
C PRO A 106 -12.49 33.26 -8.63
N SER A 107 -13.06 32.18 -8.13
CA SER A 107 -14.08 31.46 -8.89
C SER A 107 -15.35 32.29 -9.04
N PRO A 108 -15.95 32.27 -10.24
CA PRO A 108 -17.31 32.76 -10.35
C PRO A 108 -18.28 31.87 -9.56
N VAL A 109 -19.52 32.31 -9.45
CA VAL A 109 -20.53 31.55 -8.75
C VAL A 109 -20.85 30.25 -9.53
N ARG A 110 -20.80 29.15 -8.81
CA ARG A 110 -21.10 27.81 -9.32
C ARG A 110 -22.00 27.15 -8.29
N ASP A 111 -22.78 26.11 -8.67
CA ASP A 111 -23.63 25.44 -7.68
C ASP A 111 -22.80 24.80 -6.54
N GLU A 112 -21.65 24.26 -6.90
CA GLU A 112 -20.76 23.63 -5.93
C GLU A 112 -19.35 23.68 -6.47
N TYR A 113 -18.42 23.35 -5.59
CA TYR A 113 -16.99 23.47 -5.85
C TYR A 113 -16.29 22.31 -5.16
N ALA A 114 -15.06 22.08 -5.56
CA ALA A 114 -14.20 21.08 -4.93
C ALA A 114 -12.80 21.69 -4.65
N PRO A 115 -12.70 22.69 -3.74
CA PRO A 115 -11.39 23.28 -3.50
C PRO A 115 -10.46 22.35 -2.77
N VAL A 116 -9.20 22.35 -3.18
CA VAL A 116 -8.16 21.57 -2.49
C VAL A 116 -7.79 22.26 -1.18
N ILE A 117 -7.92 21.50 -0.09
CA ILE A 117 -7.57 21.95 1.24
C ILE A 117 -6.31 21.29 1.82
N PHE A 118 -5.99 20.09 1.36
CA PHE A 118 -4.74 19.43 1.73
C PHE A 118 -3.98 18.97 0.49
N SER A 119 -2.67 19.15 0.48
CA SER A 119 -1.87 18.75 -0.69
C SER A 119 -0.49 18.27 -0.33
N GLN A 120 -0.03 17.22 -1.00
CA GLN A 120 1.38 16.86 -0.98
C GLN A 120 2.14 18.06 -1.57
N ASP A 121 3.32 18.37 -1.04
CA ASP A 121 4.03 19.57 -1.45
C ASP A 121 4.39 19.54 -2.95
N SER A 122 4.51 18.33 -3.51
CA SER A 122 4.77 18.18 -4.94
C SER A 122 3.67 18.76 -5.82
N VAL A 123 2.47 18.91 -5.26
CA VAL A 123 1.34 19.51 -5.97
C VAL A 123 0.74 20.66 -5.16
N SER A 124 1.63 21.42 -4.50
CA SER A 124 1.21 22.49 -3.61
C SER A 124 0.41 23.59 -4.34
N TYR A 125 0.70 23.78 -5.63
CA TYR A 125 -0.03 24.71 -6.50
C TYR A 125 -1.51 24.40 -6.61
N LEU A 126 -1.96 23.20 -6.20
CA LEU A 126 -3.40 22.89 -6.21
C LEU A 126 -4.16 23.56 -5.08
N GLU A 127 -3.48 23.98 -4.02
CA GLU A 127 -4.16 24.50 -2.85
C GLU A 127 -5.08 25.68 -3.23
N SER A 128 -6.34 25.56 -2.83
CA SER A 128 -7.42 26.53 -3.05
C SER A 128 -8.06 26.45 -4.43
N LEU A 129 -7.48 25.69 -5.34
CA LEU A 129 -8.11 25.52 -6.66
C LEU A 129 -9.34 24.62 -6.60
N ASP A 130 -10.38 25.08 -7.28
CA ASP A 130 -11.61 24.29 -7.45
C ASP A 130 -11.41 23.21 -8.51
N MET A 131 -11.37 21.95 -8.08
CA MET A 131 -11.10 20.83 -8.98
CA MET A 131 -11.06 20.88 -9.01
C MET A 131 -12.25 20.60 -9.95
N MET A 132 -13.43 21.16 -9.66
CA MET A 132 -14.52 21.09 -10.62
CA MET A 132 -14.52 21.10 -10.62
C MET A 132 -14.40 22.09 -11.79
N SER A 133 -13.38 22.96 -11.76
CA SER A 133 -13.18 23.97 -12.80
C SER A 133 -12.32 23.50 -13.99
N GLY A 134 -11.95 22.22 -13.98
CA GLY A 134 -11.34 21.54 -15.11
C GLY A 134 -12.27 20.43 -15.49
N GLU A 135 -12.55 20.26 -16.78
CA GLU A 135 -13.56 19.29 -17.21
C GLU A 135 -13.21 17.85 -16.90
N GLU A 136 -11.93 17.48 -17.07
CA GLU A 136 -11.53 16.10 -16.77
C GLU A 136 -11.71 15.77 -15.29
N ASP A 137 -11.29 16.70 -14.44
CA ASP A 137 -11.38 16.53 -13.00
C ASP A 137 -12.84 16.55 -12.55
N ARG A 138 -13.64 17.41 -13.16
CA ARG A 138 -15.05 17.52 -12.78
C ARG A 138 -15.79 16.22 -13.04
N GLU A 139 -15.59 15.67 -14.23
CA GLU A 139 -16.24 14.42 -14.64
C GLU A 139 -15.80 13.30 -13.71
N ASN A 140 -14.50 13.29 -13.38
CA ASN A 140 -13.95 12.30 -12.45
C ASN A 140 -14.58 12.39 -11.06
N ILE A 141 -14.74 13.62 -10.54
CA ILE A 141 -15.34 13.85 -9.25
C ILE A 141 -16.78 13.29 -9.22
N LEU A 142 -17.55 13.63 -10.23
CA LEU A 142 -18.91 13.14 -10.29
C LEU A 142 -18.99 11.62 -10.32
N ARG A 143 -18.22 10.98 -11.20
CA ARG A 143 -18.29 9.53 -11.31
C ARG A 143 -17.76 8.84 -10.02
N ALA A 144 -16.70 9.41 -9.41
CA ALA A 144 -16.20 8.90 -8.12
C ALA A 144 -17.31 8.88 -7.07
N ARG A 145 -17.96 10.01 -6.86
CA ARG A 145 -18.96 10.10 -5.80
C ARG A 145 -20.21 9.27 -6.11
N GLU A 146 -20.59 9.18 -7.39
CA GLU A 146 -21.81 8.43 -7.74
C GLU A 146 -21.59 6.92 -7.67
N THR A 147 -20.35 6.45 -7.88
CA THR A 147 -20.10 5.02 -7.93
C THR A 147 -19.47 4.47 -6.67
N GLY A 148 -18.86 5.33 -5.85
CA GLY A 148 -18.14 4.87 -4.67
C GLY A 148 -16.78 4.28 -4.94
N LYS A 149 -16.27 4.39 -6.17
CA LYS A 149 -15.03 3.74 -6.53
C LYS A 149 -14.02 4.69 -7.13
N ALA A 150 -12.77 4.22 -7.14
CA ALA A 150 -11.66 4.93 -7.80
C ALA A 150 -12.00 5.05 -9.27
N VAL A 151 -11.83 6.24 -9.87
CA VAL A 151 -12.08 6.45 -11.28
C VAL A 151 -10.89 7.18 -11.93
N LEU A 152 -10.70 6.94 -13.23
CA LEU A 152 -9.66 7.55 -14.04
C LEU A 152 -10.21 8.46 -15.14
N THR A 153 -9.51 9.57 -15.40
CA THR A 153 -9.78 10.44 -16.53
C THR A 153 -9.21 9.85 -17.83
N SER A 154 -9.59 10.45 -18.97
CA SER A 154 -8.86 10.28 -20.22
C SER A 154 -7.50 10.96 -20.05
N PRO A 155 -6.55 10.68 -20.96
CA PRO A 155 -5.26 11.36 -20.86
C PRO A 155 -5.39 12.85 -21.18
N PHE A 156 -4.79 13.69 -20.37
CA PHE A 156 -4.73 15.13 -20.65
C PHE A 156 -3.51 15.73 -20.02
N ARG A 157 -3.20 16.97 -20.38
CA ARG A 157 -2.00 17.62 -19.87
C ARG A 157 -2.29 18.28 -18.50
N LEU A 158 -1.52 17.85 -17.53
CA LEU A 158 -1.73 18.17 -16.14
C LEU A 158 -1.29 19.60 -15.84
N LEU A 159 -1.83 20.15 -14.77
CA LEU A 159 -1.51 21.51 -14.34
C LEU A 159 -0.05 21.65 -14.03
N GLU A 160 0.48 22.84 -14.36
CA GLU A 160 1.84 23.28 -14.04
C GLU A 160 2.94 22.61 -14.87
N THR A 161 2.94 21.28 -14.89
CA THR A 161 3.96 20.54 -15.64
C THR A 161 3.59 20.44 -17.11
N HIS A 162 2.28 20.39 -17.37
CA HIS A 162 1.74 20.15 -18.73
C HIS A 162 2.14 18.78 -19.23
N HIS A 163 2.49 17.87 -18.31
CA HIS A 163 2.84 16.53 -18.68
C HIS A 163 1.59 15.74 -19.03
N LEU A 164 1.67 14.91 -20.05
CA LEU A 164 0.52 14.07 -20.42
C LEU A 164 0.32 12.98 -19.36
N GLY A 165 -0.83 12.99 -18.70
CA GLY A 165 -1.11 12.01 -17.64
C GLY A 165 -2.60 11.76 -17.48
N VAL A 166 -2.95 11.09 -16.38
CA VAL A 166 -4.35 10.85 -16.01
C VAL A 166 -4.50 11.14 -14.53
N VAL A 167 -5.72 11.48 -14.13
CA VAL A 167 -6.02 11.71 -12.72
C VAL A 167 -6.88 10.56 -12.19
N LEU A 168 -6.54 10.16 -10.97
CA LEU A 168 -7.24 9.12 -10.20
C LEU A 168 -7.98 9.85 -9.10
N THR A 169 -9.29 9.63 -8.97
CA THR A 169 -10.08 10.28 -7.91
C THR A 169 -10.90 9.23 -7.12
N PHE A 170 -10.86 9.34 -5.78
CA PHE A 170 -11.61 8.47 -4.84
C PHE A 170 -12.53 9.35 -4.07
N PRO A 171 -13.79 8.93 -3.85
CA PRO A 171 -14.64 9.71 -2.99
C PRO A 171 -14.41 9.47 -1.51
N VAL A 172 -14.66 10.51 -0.71
CA VAL A 172 -14.70 10.39 0.71
C VAL A 172 -16.10 10.75 1.17
N TYR A 173 -16.72 9.84 1.93
CA TYR A 173 -18.09 10.06 2.42
C TYR A 173 -18.14 10.40 3.91
N LYS A 174 -19.19 11.14 4.23
CA LYS A 174 -19.62 11.39 5.60
C LYS A 174 -20.15 10.11 6.23
N SER A 175 -20.13 10.06 7.57
CA SER A 175 -20.62 8.91 8.33
C SER A 175 -22.11 8.65 8.17
N SER A 176 -22.84 9.63 7.66
CA SER A 176 -24.27 9.51 7.41
C SER A 176 -24.59 8.66 6.18
N LEU A 177 -23.59 8.27 5.42
CA LEU A 177 -23.82 7.41 4.25
C LEU A 177 -24.55 6.14 4.69
N PRO A 178 -25.75 5.87 4.11
CA PRO A 178 -26.46 4.63 4.47
C PRO A 178 -25.78 3.34 3.99
N GLU A 179 -26.10 2.20 4.59
CA GLU A 179 -25.63 0.94 4.01
C GLU A 179 -26.44 0.69 2.73
N ASN A 180 -25.80 0.03 1.77
CA ASN A 180 -26.35 -0.16 0.43
C ASN A 180 -26.95 1.13 -0.13
N PRO A 181 -26.11 2.18 -0.26
CA PRO A 181 -26.67 3.48 -0.63
C PRO A 181 -27.06 3.55 -2.11
N THR A 182 -28.07 4.37 -2.39
CA THR A 182 -28.39 4.73 -3.75
C THR A 182 -27.40 5.80 -4.22
N VAL A 183 -27.39 6.08 -5.52
CA VAL A 183 -26.55 7.14 -6.03
C VAL A 183 -26.91 8.49 -5.40
N GLU A 184 -28.20 8.77 -5.27
CA GLU A 184 -28.66 9.99 -4.65
C GLU A 184 -28.15 10.11 -3.21
N GLU A 185 -28.15 8.99 -2.49
CA GLU A 185 -27.63 8.98 -1.11
C GLU A 185 -26.12 9.22 -1.08
N ARG A 186 -25.41 8.63 -2.04
CA ARG A 186 -23.97 8.87 -2.16
C ARG A 186 -23.64 10.34 -2.37
N ILE A 187 -24.38 10.98 -3.26
CA ILE A 187 -24.14 12.38 -3.53
C ILE A 187 -24.35 13.21 -2.25
N ALA A 188 -25.47 12.95 -1.57
CA ALA A 188 -25.85 13.69 -0.36
C ALA A 188 -24.83 13.52 0.75
N ALA A 189 -24.22 12.35 0.80
CA ALA A 189 -23.24 12.01 1.84
C ALA A 189 -21.79 12.31 1.48
N THR A 190 -21.56 12.93 0.32
CA THR A 190 -20.19 13.18 -0.14
C THR A 190 -19.53 14.25 0.72
N ALA A 191 -18.34 13.96 1.28
CA ALA A 191 -17.53 14.94 1.98
C ALA A 191 -16.51 15.61 1.06
N GLY A 192 -15.91 14.82 0.17
CA GLY A 192 -14.85 15.33 -0.68
C GLY A 192 -14.20 14.24 -1.47
N TYR A 193 -13.01 14.53 -1.99
CA TYR A 193 -12.40 13.75 -3.03
C TYR A 193 -10.88 13.68 -2.82
N LEU A 194 -10.33 12.47 -2.81
CA LEU A 194 -8.89 12.25 -2.73
CA LEU A 194 -8.89 12.27 -2.75
C LEU A 194 -8.41 11.99 -4.16
N GLY A 195 -7.57 12.87 -4.68
CA GLY A 195 -7.08 12.77 -6.07
C GLY A 195 -5.58 12.59 -6.13
N GLY A 196 -5.15 11.84 -7.15
CA GLY A 196 -3.74 11.60 -7.41
C GLY A 196 -3.47 11.82 -8.87
N ALA A 197 -2.34 12.43 -9.17
CA ALA A 197 -1.91 12.68 -10.55
C ALA A 197 -0.96 11.57 -11.02
N PHE A 198 -1.44 10.76 -11.95
CA PHE A 198 -0.61 9.79 -12.68
CA PHE A 198 -0.54 9.82 -12.64
C PHE A 198 0.16 10.56 -13.77
N ASP A 199 1.40 10.97 -13.47
CA ASP A 199 2.24 11.66 -14.44
C ASP A 199 2.87 10.58 -15.31
N VAL A 200 2.10 10.14 -16.28
CA VAL A 200 2.50 9.05 -17.16
C VAL A 200 3.76 9.45 -17.96
N GLU A 201 3.72 10.66 -18.51
CA GLU A 201 4.80 11.14 -19.37
C GLU A 201 6.17 11.04 -18.71
N SER A 202 6.30 11.51 -17.46
CA SER A 202 7.56 11.50 -16.77
C SER A 202 7.83 10.14 -16.08
N LEU A 203 6.81 9.61 -15.40
CA LEU A 203 7.05 8.48 -14.50
C LEU A 203 7.07 7.14 -15.22
N VAL A 204 6.24 6.96 -16.24
CA VAL A 204 6.32 5.76 -17.06
C VAL A 204 7.61 5.74 -17.88
N GLU A 205 8.03 6.91 -18.39
CA GLU A 205 9.35 7.00 -19.04
C GLU A 205 10.48 6.59 -18.10
N ASN A 206 10.43 7.07 -16.86
CA ASN A 206 11.45 6.75 -15.88
C ASN A 206 11.48 5.23 -15.63
N LEU A 207 10.28 4.64 -15.52
CA LEU A 207 10.16 3.21 -15.24
C LEU A 207 10.71 2.39 -16.40
N LEU A 208 10.23 2.68 -17.61
CA LEU A 208 10.67 1.96 -18.83
C LEU A 208 12.13 2.19 -19.18
N GLY A 209 12.63 3.41 -18.99
CA GLY A 209 13.99 3.76 -19.38
C GLY A 209 15.10 3.08 -18.62
N GLN A 210 14.79 2.55 -17.44
CA GLN A 210 15.78 1.86 -16.64
C GLN A 210 15.85 0.37 -16.94
N LEU A 211 14.96 -0.14 -17.79
CA LEU A 211 14.88 -1.57 -18.06
C LEU A 211 15.82 -1.95 -19.19
N ALA A 212 16.50 -3.07 -19.03
CA ALA A 212 17.38 -3.59 -20.06
C ALA A 212 16.56 -3.83 -21.34
N GLY A 213 17.16 -3.49 -22.47
CA GLY A 213 16.51 -3.66 -23.78
C GLY A 213 15.62 -2.49 -24.17
N ASN A 214 15.59 -1.46 -23.33
CA ASN A 214 14.71 -0.31 -23.57
C ASN A 214 15.00 0.38 -24.90
N GLN A 215 16.27 0.40 -25.31
CA GLN A 215 16.65 1.09 -26.55
C GLN A 215 16.18 0.32 -27.79
N ALA A 216 15.91 -0.97 -27.61
CA ALA A 216 15.51 -1.85 -28.72
C ALA A 216 14.04 -1.75 -29.10
N ILE A 217 13.24 -1.19 -28.19
CA ILE A 217 11.79 -1.33 -28.21
C ILE A 217 11.16 0.06 -28.15
N VAL A 218 10.02 0.20 -28.83
CA VAL A 218 9.19 1.38 -28.73
C VAL A 218 7.93 0.92 -28.01
N VAL A 219 7.55 1.63 -26.95
CA VAL A 219 6.35 1.30 -26.16
C VAL A 219 5.33 2.44 -26.24
N HIS A 220 4.10 2.11 -26.64
CA HIS A 220 2.99 3.06 -26.62
C HIS A 220 1.83 2.51 -25.78
N VAL A 221 1.14 3.39 -25.07
CA VAL A 221 -0.05 3.01 -24.31
C VAL A 221 -1.19 3.87 -24.81
N TYR A 222 -2.33 3.23 -25.05
CA TYR A 222 -3.53 3.95 -25.50
C TYR A 222 -4.70 3.73 -24.58
N ASP A 223 -5.51 4.78 -24.46
CA ASP A 223 -6.83 4.71 -23.88
C ASP A 223 -7.77 4.40 -25.06
N ILE A 224 -8.38 3.21 -25.00
CA ILE A 224 -9.25 2.70 -26.07
C ILE A 224 -10.70 2.56 -25.59
N THR A 225 -11.07 3.35 -24.59
CA THR A 225 -12.44 3.45 -24.10
C THR A 225 -13.44 3.59 -25.24
N ASN A 226 -13.13 4.48 -26.17
CA ASN A 226 -13.88 4.62 -27.43
C ASN A 226 -13.04 4.00 -28.55
N ALA A 227 -13.44 2.82 -29.02
CA ALA A 227 -12.68 2.07 -30.04
C ALA A 227 -12.35 2.90 -31.29
N SER A 228 -13.27 3.75 -31.73
CA SER A 228 -13.08 4.55 -32.95
C SER A 228 -12.31 5.85 -32.71
N ASP A 229 -11.93 6.11 -31.46
CA ASP A 229 -11.17 7.31 -31.10
C ASP A 229 -10.14 6.96 -30.02
N PRO A 230 -9.10 6.19 -30.41
CA PRO A 230 -8.05 5.87 -29.47
C PRO A 230 -7.29 7.12 -29.09
N LEU A 231 -6.91 7.22 -27.81
CA LEU A 231 -6.18 8.38 -27.32
C LEU A 231 -4.84 7.94 -26.77
N VAL A 232 -3.78 8.62 -27.19
CA VAL A 232 -2.41 8.35 -26.72
CA VAL A 232 -2.44 8.28 -26.71
C VAL A 232 -2.32 8.66 -25.23
N MET A 233 -1.87 7.68 -24.45
CA MET A 233 -1.61 7.88 -23.03
C MET A 233 -0.13 7.99 -22.78
N TYR A 234 0.66 7.18 -23.49
CA TYR A 234 2.10 7.25 -23.40
C TYR A 234 2.71 6.96 -24.76
N GLY A 235 3.70 7.76 -25.16
CA GLY A 235 4.54 7.43 -26.31
C GLY A 235 4.41 8.44 -27.44
N ASN A 236 5.40 8.39 -28.34
CA ASN A 236 5.46 9.24 -29.53
C ASN A 236 4.89 8.48 -30.74
N GLU A 239 6.84 8.44 -34.28
CA GLU A 239 8.14 7.84 -33.98
C GLU A 239 8.52 6.80 -35.03
N GLU A 240 9.79 6.79 -35.43
CA GLU A 240 10.30 5.80 -36.36
C GLU A 240 10.40 4.43 -35.68
N ALA A 241 9.48 3.53 -36.05
CA ALA A 241 9.45 2.18 -35.50
C ALA A 241 9.32 1.15 -36.64
N ASP A 242 9.46 -0.13 -36.26
CA ASP A 242 9.36 -1.25 -37.19
C ASP A 242 7.90 -1.53 -37.54
N ARG A 243 7.52 -1.24 -38.78
CA ARG A 243 6.12 -1.32 -39.23
C ARG A 243 5.62 -2.76 -39.47
N SER A 244 6.53 -3.71 -39.64
CA SER A 244 6.14 -5.08 -40.01
C SER A 244 5.63 -5.94 -38.85
N LEU A 245 6.07 -5.64 -37.62
CA LEU A 245 5.79 -6.50 -36.47
C LEU A 245 5.38 -5.66 -35.27
N SER A 246 4.33 -6.08 -34.59
CA SER A 246 3.96 -5.43 -33.33
C SER A 246 3.34 -6.45 -32.40
N HIS A 247 3.28 -6.09 -31.12
CA HIS A 247 2.55 -6.90 -30.19
C HIS A 247 1.67 -6.00 -29.34
N GLU A 248 0.47 -6.49 -29.06
CA GLU A 248 -0.48 -5.83 -28.14
C GLU A 248 -0.51 -6.58 -26.81
N SER A 249 -0.18 -5.87 -25.74
CA SER A 249 -0.25 -6.41 -24.39
C SER A 249 -1.43 -5.81 -23.63
N LYS A 250 -2.09 -6.65 -22.84
CA LYS A 250 -3.24 -6.24 -22.05
C LYS A 250 -2.84 -5.34 -20.88
N LEU A 251 -3.69 -4.36 -20.57
CA LEU A 251 -3.53 -3.50 -19.40
C LEU A 251 -4.89 -3.30 -18.79
N ASP A 252 -4.98 -3.43 -17.47
CA ASP A 252 -6.20 -3.15 -16.74
C ASP A 252 -5.86 -2.20 -15.59
N PHE A 253 -6.20 -0.92 -15.77
CA PHE A 253 -5.94 0.07 -14.69
C PHE A 253 -7.07 0.17 -13.65
N GLY A 254 -8.11 -0.64 -13.76
CA GLY A 254 -9.00 -0.87 -12.62
C GLY A 254 -10.33 -0.13 -12.67
N ASP A 255 -10.49 0.77 -13.64
CA ASP A 255 -11.74 1.52 -13.79
C ASP A 255 -12.54 0.93 -14.96
N PRO A 256 -13.66 0.24 -14.66
CA PRO A 256 -14.40 -0.40 -15.76
C PRO A 256 -14.99 0.58 -16.79
N PHE A 257 -15.00 1.87 -16.48
CA PHE A 257 -15.41 2.90 -17.43
C PHE A 257 -14.36 3.13 -18.54
N ARG A 258 -13.11 2.78 -18.27
CA ARG A 258 -12.01 3.02 -19.19
C ARG A 258 -11.40 1.70 -19.64
N LYS A 259 -10.81 1.72 -20.83
CA LYS A 259 -10.10 0.59 -21.38
CA LYS A 259 -10.07 0.59 -21.35
C LYS A 259 -8.76 1.08 -21.93
N HIS A 260 -7.73 0.24 -21.82
CA HIS A 260 -6.38 0.60 -22.25
C HIS A 260 -5.69 -0.62 -22.84
N LYS A 261 -4.63 -0.34 -23.58
CA LYS A 261 -3.75 -1.37 -24.17
C LYS A 261 -2.34 -0.80 -24.36
N MET A 262 -1.38 -1.71 -24.41
CA MET A 262 0.01 -1.34 -24.72
C MET A 262 0.36 -1.98 -26.05
N ILE A 263 1.07 -1.23 -26.89
CA ILE A 263 1.60 -1.73 -28.16
C ILE A 263 3.09 -1.51 -28.17
N CYS A 264 3.85 -2.59 -28.44
CA CYS A 264 5.30 -2.49 -28.55
C CYS A 264 5.73 -2.87 -29.95
N ARG A 265 6.78 -2.21 -30.42
CA ARG A 265 7.45 -2.56 -31.68
C ARG A 265 8.95 -2.42 -31.49
N TYR A 266 9.73 -3.02 -32.39
CA TYR A 266 11.15 -2.74 -32.42
C TYR A 266 11.38 -1.39 -33.09
N HIS A 267 12.44 -0.69 -32.70
CA HIS A 267 12.89 0.49 -33.45
C HIS A 267 13.12 0.10 -34.90
N GLN A 268 13.86 -1.00 -35.08
CA GLN A 268 14.21 -1.60 -36.38
C GLN A 268 13.37 -1.15 -37.57
N ASP B 3 7.90 -40.70 -22.14
CA ASP B 3 9.01 -39.69 -22.10
C ASP B 3 8.50 -38.25 -22.33
N ALA B 4 7.76 -38.05 -23.41
CA ALA B 4 7.12 -36.76 -23.70
C ALA B 4 6.20 -36.35 -22.56
N ASN B 5 5.47 -37.31 -22.00
CA ASN B 5 4.55 -37.03 -20.90
C ASN B 5 5.30 -36.68 -19.61
N LYS B 6 6.43 -37.32 -19.36
CA LYS B 6 7.31 -36.95 -18.23
C LYS B 6 7.79 -35.50 -18.35
N ILE B 7 8.13 -35.07 -19.57
CA ILE B 7 8.58 -33.69 -19.78
C ILE B 7 7.43 -32.69 -19.46
N ARG B 8 6.23 -33.00 -19.96
CA ARG B 8 5.07 -32.15 -19.72
C ARG B 8 4.77 -32.12 -18.21
N ARG B 9 4.94 -33.27 -17.55
CA ARG B 9 4.67 -33.35 -16.12
C ARG B 9 5.60 -32.42 -15.33
N GLU B 10 6.86 -32.38 -15.72
CA GLU B 10 7.83 -31.46 -15.11
C GLU B 10 7.47 -30.00 -15.35
N GLU B 11 7.09 -29.69 -16.59
CA GLU B 11 6.74 -28.32 -16.96
C GLU B 11 5.52 -27.83 -16.18
N VAL B 12 4.54 -28.70 -15.96
CA VAL B 12 3.36 -28.34 -15.17
C VAL B 12 3.76 -28.10 -13.71
N LEU B 13 4.63 -28.96 -13.18
CA LEU B 13 5.07 -28.77 -11.78
C LEU B 13 5.78 -27.44 -11.56
N VAL B 14 6.69 -27.10 -12.46
CA VAL B 14 7.41 -25.83 -12.40
C VAL B 14 6.42 -24.67 -12.48
N SER B 15 5.51 -24.73 -13.43
CA SER B 15 4.54 -23.65 -13.61
CA SER B 15 4.53 -23.65 -13.62
C SER B 15 3.67 -23.47 -12.37
N MET B 16 3.13 -24.56 -11.86
CA MET B 16 2.28 -24.55 -10.66
C MET B 16 3.00 -23.99 -9.46
N CYS B 17 4.22 -24.48 -9.23
CA CYS B 17 4.98 -24.06 -8.08
C CYS B 17 5.41 -22.61 -8.17
N ASP B 18 5.91 -22.21 -9.33
CA ASP B 18 6.36 -20.83 -9.55
C ASP B 18 5.20 -19.85 -9.36
N GLN B 19 4.02 -20.20 -9.84
CA GLN B 19 2.87 -19.29 -9.70
C GLN B 19 2.47 -19.13 -8.22
N ARG B 20 2.47 -20.23 -7.46
CA ARG B 20 2.14 -20.16 -6.04
C ARG B 20 3.16 -19.32 -5.29
N ALA B 21 4.44 -19.51 -5.64
CA ALA B 21 5.49 -18.73 -5.02
C ALA B 21 5.32 -17.23 -5.30
N ARG B 22 5.04 -16.88 -6.55
CA ARG B 22 4.80 -15.49 -6.93
C ARG B 22 3.65 -14.90 -6.12
N MET B 23 2.54 -15.63 -6.05
CA MET B 23 1.35 -15.14 -5.33
C MET B 23 1.66 -14.88 -3.87
N LEU B 24 2.37 -15.81 -3.26
CA LEU B 24 2.72 -15.69 -1.84
C LEU B 24 3.69 -14.53 -1.62
N GLN B 25 4.73 -14.43 -2.46
CA GLN B 25 5.69 -13.33 -2.35
C GLN B 25 5.01 -11.97 -2.53
N ASP B 26 4.10 -11.89 -3.47
CA ASP B 26 3.44 -10.64 -3.81
C ASP B 26 2.55 -10.19 -2.64
N GLN B 27 1.79 -11.14 -2.08
CA GLN B 27 0.89 -10.80 -0.97
C GLN B 27 1.69 -10.43 0.27
N PHE B 28 2.80 -11.12 0.51
CA PHE B 28 3.67 -10.75 1.59
CA PHE B 28 3.68 -10.75 1.63
C PHE B 28 4.18 -9.31 1.43
N SER B 29 4.67 -9.02 0.21
CA SER B 29 5.23 -7.71 -0.11
C SER B 29 4.21 -6.60 0.14
N VAL B 30 2.99 -6.80 -0.35
CA VAL B 30 1.92 -5.81 -0.18
C VAL B 30 1.68 -5.57 1.33
N SER B 31 1.62 -6.65 2.11
CA SER B 31 1.42 -6.51 3.56
C SER B 31 2.55 -5.76 4.26
N VAL B 32 3.80 -6.09 3.90
CA VAL B 32 4.95 -5.43 4.46
C VAL B 32 4.90 -3.92 4.16
N ASN B 33 4.61 -3.58 2.92
CA ASN B 33 4.54 -2.17 2.55
C ASN B 33 3.46 -1.42 3.32
N HIS B 34 2.30 -2.03 3.52
CA HIS B 34 1.23 -1.35 4.25
C HIS B 34 1.53 -1.26 5.76
N VAL B 35 2.27 -2.24 6.28
CA VAL B 35 2.72 -2.15 7.68
C VAL B 35 3.73 -1.02 7.84
N HIS B 36 4.57 -0.80 6.84
CA HIS B 36 5.52 0.30 6.85
C HIS B 36 4.81 1.64 6.91
N ALA B 37 3.75 1.75 6.12
CA ALA B 37 2.91 2.95 6.17
C ALA B 37 2.32 3.18 7.56
N LEU B 38 1.91 2.12 8.26
CA LEU B 38 1.38 2.26 9.61
C LEU B 38 2.46 2.73 10.60
N ALA B 39 3.68 2.25 10.42
CA ALA B 39 4.77 2.73 11.27
C ALA B 39 4.99 4.23 11.10
N ILE B 40 4.91 4.67 9.86
CA ILE B 40 5.04 6.08 9.48
C ILE B 40 3.87 6.86 10.08
N LEU B 41 2.67 6.29 10.01
CA LEU B 41 1.49 6.94 10.60
C LEU B 41 1.66 7.15 12.11
N VAL B 42 2.11 6.13 12.84
CA VAL B 42 2.30 6.27 14.28
C VAL B 42 3.38 7.35 14.57
N SER B 43 4.46 7.35 13.81
CA SER B 43 5.49 8.38 13.96
C SER B 43 4.93 9.78 13.75
N THR B 44 4.25 9.99 12.64
CA THR B 44 3.70 11.29 12.32
C THR B 44 2.66 11.77 13.34
N PHE B 45 1.72 10.90 13.67
CA PHE B 45 0.57 11.31 14.49
C PHE B 45 0.80 11.22 15.99
N HIS B 46 1.61 10.27 16.44
CA HIS B 46 1.83 10.08 17.89
C HIS B 46 3.05 10.83 18.42
N TYR B 47 4.06 11.05 17.58
CA TYR B 47 5.32 11.65 18.06
C TYR B 47 5.61 13.03 17.45
N HIS B 48 5.42 13.18 16.16
CA HIS B 48 5.71 14.46 15.50
C HIS B 48 4.68 15.53 15.83
N LYS B 49 3.42 15.13 15.98
CA LYS B 49 2.38 16.05 16.43
C LYS B 49 2.47 16.12 17.94
N ASN B 50 2.31 17.33 18.47
CA ASN B 50 2.24 17.52 19.92
C ASN B 50 1.08 18.47 20.25
N PRO B 51 0.12 18.00 21.06
CA PRO B 51 0.05 16.68 21.67
C PRO B 51 -0.21 15.57 20.65
N SER B 52 -0.12 14.32 21.08
CA SER B 52 -0.40 13.20 20.23
C SER B 52 -1.81 13.32 19.67
N ALA B 53 -1.95 12.93 18.40
CA ALA B 53 -3.23 12.99 17.71
C ALA B 53 -3.64 11.62 17.20
N ILE B 54 -3.18 10.57 17.88
CA ILE B 54 -3.61 9.19 17.67
C ILE B 54 -3.82 8.51 19.02
N ASP B 55 -4.87 7.70 19.09
CA ASP B 55 -5.25 7.00 20.32
C ASP B 55 -5.78 5.61 19.95
N GLN B 56 -6.13 4.80 20.94
CA GLN B 56 -6.55 3.41 20.63
C GLN B 56 -7.78 3.43 19.72
N GLU B 57 -8.77 4.27 20.03
CA GLU B 57 -10.00 4.30 19.22
C GLU B 57 -9.70 4.55 17.75
N THR B 58 -8.85 5.52 17.48
CA THR B 58 -8.50 5.92 16.14
CA THR B 58 -8.60 5.89 16.10
C THR B 58 -7.67 4.87 15.42
N PHE B 59 -6.68 4.32 16.13
CA PHE B 59 -5.87 3.24 15.60
C PHE B 59 -6.73 2.03 15.26
N ALA B 60 -7.66 1.67 16.14
CA ALA B 60 -8.54 0.52 15.90
C ALA B 60 -9.40 0.78 14.66
N GLU B 61 -9.96 1.97 14.57
CA GLU B 61 -10.80 2.29 13.40
C GLU B 61 -9.99 2.23 12.10
N TYR B 62 -8.84 2.90 12.08
CA TYR B 62 -8.07 2.99 10.87
C TYR B 62 -7.59 1.62 10.42
N THR B 63 -7.11 0.81 11.36
CA THR B 63 -6.62 -0.53 11.02
C THR B 63 -7.74 -1.48 10.60
N ALA B 64 -8.88 -1.39 11.25
CA ALA B 64 -10.07 -2.16 10.79
C ALA B 64 -10.43 -1.80 9.34
N ARG B 65 -10.52 -0.52 9.06
CA ARG B 65 -10.95 -0.06 7.74
C ARG B 65 -9.96 -0.40 6.63
N THR B 66 -8.68 -0.54 7.00
CA THR B 66 -7.61 -0.84 6.03
C THR B 66 -7.13 -2.30 6.12
N ALA B 67 -7.90 -3.16 6.81
CA ALA B 67 -7.48 -4.56 6.97
C ALA B 67 -7.26 -5.19 5.60
N PHE B 68 -8.06 -4.80 4.59
CA PHE B 68 -7.93 -5.34 3.22
C PHE B 68 -6.56 -5.07 2.55
N GLU B 69 -5.84 -4.07 3.02
CA GLU B 69 -4.51 -3.71 2.53
C GLU B 69 -3.42 -4.68 3.03
N ARG B 70 -3.77 -5.53 4.00
CA ARG B 70 -2.76 -6.37 4.64
C ARG B 70 -3.17 -7.84 4.62
N PRO B 71 -3.18 -8.44 3.44
CA PRO B 71 -3.81 -9.74 3.23
C PRO B 71 -3.30 -10.91 4.07
N LEU B 72 -2.04 -10.96 4.41
CA LEU B 72 -1.69 -12.21 5.14
C LEU B 72 -1.56 -12.04 6.66
N LEU B 73 -2.01 -10.89 7.12
CA LEU B 73 -1.85 -10.50 8.52
C LEU B 73 -3.14 -10.73 9.29
N SER B 74 -3.02 -11.35 10.46
CA SER B 74 -4.20 -11.53 11.31
C SER B 74 -4.48 -10.24 12.09
N GLY B 75 -3.49 -9.37 12.21
CA GLY B 75 -3.68 -8.14 12.95
C GLY B 75 -2.37 -7.37 13.09
N VAL B 76 -2.50 -6.11 13.48
CA VAL B 76 -1.37 -5.23 13.71
C VAL B 76 -1.55 -4.53 15.05
N ALA B 77 -0.42 -4.16 15.65
CA ALA B 77 -0.40 -3.53 16.93
C ALA B 77 0.84 -2.67 17.06
N TYR B 78 0.76 -1.71 17.99
CA TYR B 78 1.89 -0.81 18.25
C TYR B 78 2.28 -0.96 19.73
N ALA B 79 3.56 -1.28 19.96
CA ALA B 79 4.11 -1.44 21.27
C ALA B 79 5.08 -0.29 21.50
N GLU B 80 4.95 0.33 22.66
CA GLU B 80 5.78 1.48 22.95
C GLU B 80 6.98 1.08 23.81
N LYS B 81 8.15 1.65 23.53
CA LYS B 81 9.31 1.45 24.34
C LYS B 81 9.16 2.13 25.71
N VAL B 82 9.30 1.37 26.78
CA VAL B 82 9.22 1.89 28.15
C VAL B 82 10.44 1.36 28.92
N VAL B 83 11.29 2.26 29.39
CA VAL B 83 12.43 1.85 30.24
C VAL B 83 11.95 1.79 31.69
N ASN B 84 12.60 1.00 32.52
CA ASN B 84 12.06 0.79 33.86
C ASN B 84 11.75 2.04 34.68
N PHE B 85 12.60 3.06 34.66
CA PHE B 85 12.33 4.23 35.48
C PHE B 85 11.01 4.91 35.13
N GLU B 86 10.57 4.72 33.90
CA GLU B 86 9.34 5.30 33.41
C GLU B 86 8.12 4.43 33.70
N ARG B 87 8.31 3.22 34.19
CA ARG B 87 7.18 2.28 34.30
C ARG B 87 6.05 2.76 35.16
N GLU B 88 6.35 3.32 36.33
CA GLU B 88 5.31 3.79 37.25
CA GLU B 88 5.32 3.78 37.25
C GLU B 88 4.46 4.86 36.58
N MET B 89 5.12 5.83 35.95
CA MET B 89 4.43 6.93 35.28
C MET B 89 3.59 6.40 34.11
N PHE B 90 4.16 5.46 33.37
CA PHE B 90 3.49 4.87 32.21
C PHE B 90 2.22 4.14 32.64
N GLU B 91 2.33 3.30 33.67
CA GLU B 91 1.17 2.54 34.17
C GLU B 91 0.11 3.44 34.73
N ARG B 92 0.52 4.52 35.40
CA ARG B 92 -0.41 5.49 35.94
CA ARG B 92 -0.46 5.46 35.94
C ARG B 92 -1.16 6.17 34.79
N GLN B 93 -0.43 6.51 33.74
CA GLN B 93 -1.03 7.20 32.56
C GLN B 93 -2.05 6.32 31.82
N HIS B 94 -1.74 5.03 31.70
CA HIS B 94 -2.59 4.10 30.98
C HIS B 94 -3.63 3.41 31.84
N ASN B 95 -3.49 3.50 33.15
CA ASN B 95 -4.41 2.83 34.07
C ASN B 95 -4.42 1.32 33.85
N TRP B 96 -3.25 0.76 33.55
CA TRP B 96 -3.07 -0.68 33.59
C TRP B 96 -1.61 -1.04 33.84
N VAL B 97 -1.39 -2.27 34.27
CA VAL B 97 -0.04 -2.74 34.48
CA VAL B 97 -0.07 -2.81 34.53
C VAL B 97 0.47 -3.55 33.29
N ILE B 98 1.77 -3.40 33.03
CA ILE B 98 2.46 -4.18 32.01
C ILE B 98 2.45 -5.67 32.40
N LYS B 99 2.03 -6.52 31.46
CA LYS B 99 1.81 -7.95 31.73
C LYS B 99 2.74 -8.81 30.89
N THR B 100 2.95 -10.03 31.36
CA THR B 100 3.72 -11.03 30.66
C THR B 100 2.87 -11.69 29.60
N MET B 101 3.52 -12.08 28.51
CA MET B 101 2.81 -12.77 27.40
CA MET B 101 2.82 -12.76 27.43
C MET B 101 2.35 -14.16 27.81
N ASP B 102 3.11 -14.85 28.64
CA ASP B 102 2.79 -16.27 28.86
C ASP B 102 1.60 -16.52 29.80
N ARG B 103 1.44 -15.71 30.85
CA ARG B 103 0.34 -15.93 31.82
CA ARG B 103 0.38 -15.92 31.85
C ARG B 103 -0.50 -14.67 32.08
N GLY B 104 -0.16 -13.55 31.45
CA GLY B 104 -0.87 -12.27 31.68
C GLY B 104 -0.72 -11.78 33.10
N GLU B 105 0.42 -12.11 33.71
CA GLU B 105 0.68 -11.73 35.09
C GLU B 105 1.44 -10.40 35.08
N PRO B 106 1.36 -9.62 36.18
CA PRO B 106 2.10 -8.35 36.23
C PRO B 106 3.57 -8.60 35.96
N SER B 107 4.20 -7.82 35.09
CA SER B 107 5.56 -8.13 34.71
C SER B 107 6.52 -7.97 35.90
N PRO B 108 7.41 -8.92 36.11
CA PRO B 108 8.53 -8.58 37.00
C PRO B 108 9.33 -7.43 36.48
N VAL B 109 10.17 -6.86 37.31
CA VAL B 109 11.05 -5.78 36.86
C VAL B 109 12.03 -6.27 35.77
N ARG B 110 12.12 -5.46 34.71
CA ARG B 110 12.98 -5.69 33.56
C ARG B 110 13.61 -4.35 33.26
N ASP B 111 14.75 -4.34 32.56
CA ASP B 111 15.39 -3.05 32.22
C ASP B 111 14.49 -2.17 31.35
N GLU B 112 13.78 -2.85 30.45
CA GLU B 112 12.83 -2.16 29.56
C GLU B 112 11.76 -3.14 29.14
N TYR B 113 10.73 -2.60 28.49
CA TYR B 113 9.52 -3.34 28.13
C TYR B 113 9.03 -2.77 26.80
N ALA B 114 8.15 -3.53 26.16
CA ALA B 114 7.51 -3.11 24.91
C ALA B 114 6.00 -3.42 25.02
N PRO B 115 5.28 -2.73 25.93
CA PRO B 115 3.83 -2.99 26.08
C PRO B 115 3.03 -2.51 24.88
N VAL B 116 2.10 -3.34 24.45
CA VAL B 116 1.17 -2.90 23.37
C VAL B 116 0.22 -1.83 23.88
N ILE B 117 0.21 -0.69 23.22
CA ILE B 117 -0.69 0.40 23.56
C ILE B 117 -1.80 0.62 22.52
N PHE B 118 -1.54 0.25 21.28
CA PHE B 118 -2.59 0.37 20.22
C PHE B 118 -2.71 -1.00 19.57
N SER B 119 -3.95 -1.40 19.27
CA SER B 119 -4.14 -2.71 18.67
C SER B 119 -5.35 -2.72 17.77
N GLN B 120 -5.21 -3.42 16.66
CA GLN B 120 -6.40 -3.79 15.87
C GLN B 120 -7.25 -4.74 16.73
N ASP B 121 -8.56 -4.63 16.61
CA ASP B 121 -9.47 -5.38 17.49
C ASP B 121 -9.25 -6.89 17.32
N SER B 122 -8.81 -7.33 16.13
CA SER B 122 -8.53 -8.74 15.86
C SER B 122 -7.42 -9.31 16.76
N VAL B 123 -6.56 -8.42 17.25
CA VAL B 123 -5.51 -8.79 18.21
C VAL B 123 -5.62 -7.98 19.52
N SER B 124 -6.85 -7.76 19.97
CA SER B 124 -7.10 -6.94 21.14
C SER B 124 -6.45 -7.51 22.41
N TYR B 125 -6.32 -8.83 22.44
CA TYR B 125 -5.67 -9.54 23.55
C TYR B 125 -4.20 -9.18 23.75
N LEU B 126 -3.57 -8.50 22.79
CA LEU B 126 -2.21 -8.03 22.99
C LEU B 126 -2.09 -6.79 23.88
N GLU B 127 -3.17 -6.02 24.07
CA GLU B 127 -3.06 -4.76 24.80
CA GLU B 127 -3.09 -4.76 24.80
C GLU B 127 -2.51 -5.02 26.20
N SER B 128 -1.50 -4.21 26.54
CA SER B 128 -0.76 -4.24 27.81
C SER B 128 0.27 -5.35 27.90
N LEU B 129 0.31 -6.28 26.96
CA LEU B 129 1.35 -7.29 26.99
C LEU B 129 2.70 -6.73 26.59
N ASP B 130 3.71 -7.09 27.39
CA ASP B 130 5.09 -6.79 27.07
C ASP B 130 5.62 -7.69 25.97
N MET B 131 5.78 -7.13 24.76
CA MET B 131 6.22 -7.97 23.64
C MET B 131 7.66 -8.47 23.77
N MET B 132 8.45 -7.91 24.69
CA MET B 132 9.77 -8.44 24.94
C MET B 132 9.75 -9.68 25.83
N SER B 133 8.59 -10.04 26.37
CA SER B 133 8.47 -11.27 27.20
C SER B 133 8.22 -12.55 26.43
N GLY B 134 8.29 -12.46 25.12
CA GLY B 134 8.33 -13.65 24.25
C GLY B 134 9.60 -13.56 23.43
N GLU B 135 10.34 -14.66 23.34
CA GLU B 135 11.69 -14.60 22.76
C GLU B 135 11.75 -14.27 21.28
N GLU B 136 10.79 -14.78 20.49
CA GLU B 136 10.79 -14.42 19.08
C GLU B 136 10.53 -12.93 18.86
N ASP B 137 9.54 -12.42 19.59
CA ASP B 137 9.17 -11.00 19.47
C ASP B 137 10.28 -10.11 20.02
N ARG B 138 10.92 -10.57 21.09
CA ARG B 138 12.01 -9.80 21.69
C ARG B 138 13.16 -9.62 20.71
N GLU B 139 13.60 -10.73 20.14
CA GLU B 139 14.68 -10.72 19.15
C GLU B 139 14.30 -9.84 17.96
N ASN B 140 13.06 -9.95 17.50
CA ASN B 140 12.60 -9.14 16.39
C ASN B 140 12.66 -7.64 16.74
N ILE B 141 12.23 -7.30 17.95
CA ILE B 141 12.23 -5.91 18.39
C ILE B 141 13.64 -5.31 18.38
N LEU B 142 14.59 -6.06 18.93
CA LEU B 142 15.98 -5.61 18.96
C LEU B 142 16.55 -5.43 17.57
N ARG B 143 16.33 -6.40 16.69
CA ARG B 143 16.90 -6.30 15.36
C ARG B 143 16.24 -5.18 14.54
N ALA B 144 14.92 -4.98 14.73
CA ALA B 144 14.20 -3.90 14.06
C ALA B 144 14.82 -2.57 14.45
N ARG B 145 14.93 -2.34 15.75
CA ARG B 145 15.45 -1.04 16.18
C ARG B 145 16.90 -0.80 15.85
N GLU B 146 17.74 -1.83 15.88
CA GLU B 146 19.15 -1.67 15.54
C GLU B 146 19.41 -1.50 14.04
N THR B 147 18.57 -2.08 13.20
CA THR B 147 18.78 -2.00 11.74
C THR B 147 18.01 -0.89 11.06
N GLY B 148 16.92 -0.45 11.68
CA GLY B 148 16.06 0.55 11.08
C GLY B 148 15.13 0.02 10.01
N LYS B 149 15.03 -1.29 9.89
CA LYS B 149 14.24 -1.90 8.81
C LYS B 149 13.33 -3.01 9.33
N ALA B 150 12.38 -3.37 8.49
CA ALA B 150 11.44 -4.46 8.73
C ALA B 150 12.20 -5.73 9.03
N VAL B 151 11.78 -6.50 10.02
CA VAL B 151 12.37 -7.81 10.34
C VAL B 151 11.32 -8.87 10.56
N LEU B 152 11.69 -10.12 10.26
CA LEU B 152 10.84 -11.28 10.42
C LEU B 152 11.42 -12.26 11.43
N THR B 153 10.53 -12.86 12.21
CA THR B 153 10.90 -13.95 13.08
C THR B 153 11.05 -15.26 12.28
N SER B 154 11.55 -16.27 12.98
CA SER B 154 11.40 -17.66 12.56
C SER B 154 9.93 -18.06 12.71
N PRO B 155 9.53 -19.18 12.12
CA PRO B 155 8.15 -19.59 12.33
C PRO B 155 7.93 -20.05 13.78
N PHE B 156 6.81 -19.65 14.36
CA PHE B 156 6.47 -20.05 15.72
C PHE B 156 4.97 -19.91 15.90
N ARG B 157 4.46 -20.51 16.98
CA ARG B 157 3.02 -20.51 17.21
C ARG B 157 2.60 -19.23 17.91
N LEU B 158 1.65 -18.55 17.28
CA LEU B 158 1.18 -17.24 17.70
C LEU B 158 0.25 -17.34 18.90
N LEU B 159 0.14 -16.24 19.60
CA LEU B 159 -0.72 -16.13 20.76
C LEU B 159 -2.18 -16.34 20.39
N GLU B 160 -2.93 -16.89 21.34
CA GLU B 160 -4.39 -17.08 21.27
C GLU B 160 -4.83 -18.19 20.33
N THR B 161 -4.41 -18.10 19.08
CA THR B 161 -4.83 -19.07 18.08
C THR B 161 -3.96 -20.33 18.02
N HIS B 162 -2.70 -20.17 18.44
CA HIS B 162 -1.67 -21.20 18.35
C HIS B 162 -1.32 -21.53 16.89
N HIS B 163 -1.68 -20.65 15.95
CA HIS B 163 -1.40 -20.90 14.54
C HIS B 163 0.07 -20.65 14.26
N LEU B 164 0.66 -21.48 13.41
CA LEU B 164 2.06 -21.32 13.06
C LEU B 164 2.19 -20.12 12.14
N GLY B 165 3.07 -19.20 12.49
CA GLY B 165 3.20 -17.99 11.70
C GLY B 165 4.55 -17.32 11.90
N VAL B 166 4.68 -16.11 11.36
CA VAL B 166 5.87 -15.29 11.57
C VAL B 166 5.43 -13.88 11.90
N VAL B 167 6.18 -13.20 12.75
CA VAL B 167 5.88 -11.82 13.10
C VAL B 167 6.82 -10.88 12.32
N LEU B 168 6.23 -9.82 11.81
CA LEU B 168 6.89 -8.73 11.12
C LEU B 168 6.94 -7.54 12.08
N THR B 169 8.12 -6.98 12.34
CA THR B 169 8.22 -5.82 13.24
C THR B 169 8.99 -4.69 12.55
N PHE B 170 8.47 -3.47 12.65
CA PHE B 170 9.11 -2.26 12.16
C PHE B 170 9.42 -1.38 13.32
N PRO B 171 10.58 -0.73 13.32
CA PRO B 171 10.84 0.25 14.36
C PRO B 171 10.14 1.59 14.07
N VAL B 172 9.76 2.31 15.13
CA VAL B 172 9.29 3.68 15.07
C VAL B 172 10.26 4.49 15.96
N TYR B 173 10.78 5.58 15.42
CA TYR B 173 11.76 6.40 16.10
C TYR B 173 11.20 7.77 16.46
N LYS B 174 11.86 8.39 17.44
CA LYS B 174 11.63 9.78 17.81
C LYS B 174 12.29 10.68 16.76
N SER B 175 11.83 11.93 16.68
CA SER B 175 12.39 12.90 15.74
C SER B 175 13.83 13.29 16.09
N SER B 176 14.29 12.89 17.27
CA SER B 176 15.67 13.12 17.66
C SER B 176 16.67 12.18 16.95
N LEU B 177 16.17 11.16 16.25
CA LEU B 177 17.04 10.26 15.47
C LEU B 177 17.91 11.07 14.49
N PRO B 178 19.25 11.00 14.64
CA PRO B 178 20.15 11.71 13.71
C PRO B 178 20.13 11.14 12.28
N GLU B 179 20.65 11.90 11.31
CA GLU B 179 20.81 11.35 9.97
C GLU B 179 22.07 10.46 9.94
N ASN B 180 22.02 9.40 9.13
CA ASN B 180 23.07 8.38 9.10
C ASN B 180 23.43 7.93 10.51
N PRO B 181 22.41 7.45 11.23
CA PRO B 181 22.60 7.10 12.64
C PRO B 181 23.44 5.85 12.81
N THR B 182 24.15 5.77 13.93
CA THR B 182 24.81 4.55 14.35
C THR B 182 23.75 3.68 14.97
N VAL B 183 24.08 2.42 15.23
CA VAL B 183 23.16 1.54 15.96
C VAL B 183 22.84 2.12 17.35
N GLU B 184 23.86 2.62 18.04
CA GLU B 184 23.68 3.19 19.37
C GLU B 184 22.70 4.38 19.36
N GLU B 185 22.81 5.19 18.31
CA GLU B 185 21.88 6.30 18.10
C GLU B 185 20.46 5.81 17.80
N ARG B 186 20.34 4.74 17.02
CA ARG B 186 19.04 4.15 16.75
CA ARG B 186 19.03 4.16 16.76
C ARG B 186 18.38 3.68 18.04
N ILE B 187 19.13 2.95 18.88
CA ILE B 187 18.58 2.46 20.16
C ILE B 187 18.08 3.62 21.02
N ALA B 188 18.88 4.68 21.12
CA ALA B 188 18.57 5.80 21.96
C ALA B 188 17.32 6.55 21.47
N ALA B 189 17.11 6.54 20.17
CA ALA B 189 16.02 7.29 19.56
C ALA B 189 14.77 6.44 19.34
N THR B 190 14.78 5.18 19.79
CA THR B 190 13.66 4.27 19.55
C THR B 190 12.42 4.73 20.34
N ALA B 191 11.27 4.84 19.68
CA ALA B 191 9.99 5.12 20.34
C ALA B 191 9.19 3.86 20.59
N GLY B 192 9.25 2.91 19.67
CA GLY B 192 8.42 1.75 19.73
C GLY B 192 8.47 0.93 18.47
N TYR B 193 7.51 0.01 18.37
CA TYR B 193 7.58 -1.10 17.44
C TYR B 193 6.18 -1.40 16.91
N LEU B 194 6.06 -1.35 15.59
CA LEU B 194 4.81 -1.68 14.90
C LEU B 194 4.96 -3.13 14.43
N GLY B 195 4.09 -4.01 14.92
CA GLY B 195 4.17 -5.41 14.58
C GLY B 195 2.92 -5.95 13.95
N GLY B 196 3.12 -6.89 13.05
CA GLY B 196 2.05 -7.62 12.39
C GLY B 196 2.31 -9.11 12.43
N ALA B 197 1.25 -9.89 12.62
CA ALA B 197 1.33 -11.35 12.69
C ALA B 197 0.88 -11.93 11.34
N PHE B 198 1.81 -12.55 10.63
CA PHE B 198 1.52 -13.34 9.44
C PHE B 198 1.05 -14.70 9.92
N ASP B 199 -0.26 -14.92 9.83
CA ASP B 199 -0.83 -16.21 10.18
C ASP B 199 -0.74 -17.12 8.97
N VAL B 200 0.37 -17.86 8.90
CA VAL B 200 0.67 -18.67 7.73
C VAL B 200 -0.27 -19.84 7.73
N GLU B 201 -0.42 -20.48 8.88
CA GLU B 201 -1.15 -21.74 8.95
C GLU B 201 -2.57 -21.57 8.41
N SER B 202 -3.23 -20.46 8.74
CA SER B 202 -4.59 -20.22 8.27
C SER B 202 -4.63 -19.46 6.94
N LEU B 203 -3.93 -18.34 6.85
CA LEU B 203 -4.15 -17.43 5.72
C LEU B 203 -3.39 -17.85 4.46
N VAL B 204 -2.23 -18.47 4.61
CA VAL B 204 -1.57 -19.03 3.43
C VAL B 204 -2.28 -20.28 2.95
N GLU B 205 -2.84 -21.08 3.86
CA GLU B 205 -3.67 -22.20 3.48
C GLU B 205 -4.89 -21.73 2.70
N ASN B 206 -5.49 -20.62 3.14
CA ASN B 206 -6.61 -20.04 2.41
CA ASN B 206 -6.62 -20.03 2.42
C ASN B 206 -6.20 -19.58 1.02
N LEU B 207 -5.01 -19.01 0.92
CA LEU B 207 -4.48 -18.53 -0.37
C LEU B 207 -4.22 -19.69 -1.33
N LEU B 208 -3.52 -20.71 -0.85
CA LEU B 208 -3.00 -21.76 -1.73
C LEU B 208 -3.94 -22.96 -1.85
N GLY B 209 -4.60 -23.29 -0.74
CA GLY B 209 -5.50 -24.43 -0.67
C GLY B 209 -6.65 -24.45 -1.65
N GLN B 210 -7.19 -23.28 -2.01
CA GLN B 210 -8.33 -23.21 -2.94
C GLN B 210 -7.96 -23.38 -4.42
N LEU B 211 -6.67 -23.30 -4.73
CA LEU B 211 -6.21 -23.21 -6.12
C LEU B 211 -6.39 -24.52 -6.86
N ALA B 212 -6.77 -24.44 -8.14
CA ALA B 212 -6.88 -25.63 -8.97
C ALA B 212 -5.55 -26.36 -9.00
N GLY B 213 -5.62 -27.69 -8.96
CA GLY B 213 -4.44 -28.53 -8.95
C GLY B 213 -3.89 -28.84 -7.57
N ASN B 214 -4.48 -28.27 -6.53
CA ASN B 214 -3.95 -28.41 -5.17
C ASN B 214 -3.87 -29.87 -4.70
N GLN B 215 -4.82 -30.72 -5.14
CA GLN B 215 -4.84 -32.13 -4.72
C GLN B 215 -3.73 -32.96 -5.38
N ALA B 216 -3.14 -32.45 -6.46
CA ALA B 216 -2.14 -33.19 -7.20
C ALA B 216 -0.72 -32.98 -6.66
N ILE B 217 -0.51 -31.94 -5.88
CA ILE B 217 0.86 -31.60 -5.42
C ILE B 217 0.95 -31.40 -3.89
N VAL B 218 2.18 -31.51 -3.40
CA VAL B 218 2.54 -31.29 -2.01
C VAL B 218 3.34 -29.99 -2.02
N VAL B 219 2.91 -29.00 -1.24
CA VAL B 219 3.61 -27.70 -1.17
C VAL B 219 4.18 -27.49 0.23
N HIS B 220 5.44 -27.04 0.31
CA HIS B 220 6.03 -26.62 1.56
C HIS B 220 6.68 -25.27 1.36
N VAL B 221 6.67 -24.46 2.42
CA VAL B 221 7.52 -23.28 2.50
C VAL B 221 8.44 -23.50 3.70
N TYR B 222 9.75 -23.32 3.49
CA TYR B 222 10.74 -23.48 4.54
C TYR B 222 11.47 -22.19 4.81
N ASP B 223 11.75 -21.95 6.10
CA ASP B 223 12.72 -20.96 6.53
C ASP B 223 14.07 -21.67 6.54
N ILE B 224 14.96 -21.26 5.63
CA ILE B 224 16.26 -21.91 5.43
C ILE B 224 17.38 -20.97 5.83
N THR B 225 17.10 -20.11 6.81
CA THR B 225 18.11 -19.19 7.32
C THR B 225 19.35 -19.95 7.77
N ASN B 226 19.13 -21.08 8.45
CA ASN B 226 20.20 -22.02 8.78
C ASN B 226 20.04 -23.21 7.85
N ALA B 227 20.89 -23.29 6.83
CA ALA B 227 20.76 -24.31 5.77
C ALA B 227 20.69 -25.74 6.32
N SER B 228 21.41 -26.02 7.40
CA SER B 228 21.41 -27.34 8.04
C SER B 228 20.22 -27.60 8.99
N ASP B 229 19.39 -26.58 9.24
CA ASP B 229 18.23 -26.71 10.11
C ASP B 229 17.06 -25.95 9.48
N PRO B 230 16.55 -26.47 8.36
CA PRO B 230 15.38 -25.84 7.73
C PRO B 230 14.17 -25.97 8.65
N LEU B 231 13.35 -24.92 8.70
CA LEU B 231 12.19 -24.87 9.58
C LEU B 231 10.94 -24.73 8.74
N VAL B 232 9.96 -25.57 8.99
CA VAL B 232 8.73 -25.50 8.24
C VAL B 232 8.00 -24.20 8.59
N MET B 233 7.60 -23.46 7.56
CA MET B 233 6.75 -22.29 7.72
C MET B 233 5.33 -22.67 7.29
N TYR B 234 5.23 -23.48 6.23
CA TYR B 234 3.97 -23.94 5.68
C TYR B 234 4.11 -25.40 5.18
N GLY B 235 3.13 -26.23 5.49
CA GLY B 235 3.09 -27.62 5.00
C GLY B 235 3.30 -28.65 6.10
N ASN B 236 3.38 -29.93 5.73
CA ASN B 236 3.48 -31.02 6.72
C ASN B 236 4.93 -31.26 7.20
N GLN B 237 5.14 -32.27 8.04
CA GLN B 237 6.45 -32.50 8.65
C GLN B 237 7.29 -33.58 7.94
N ASP B 238 6.92 -33.93 6.71
CA ASP B 238 7.60 -35.01 5.98
C ASP B 238 9.05 -34.65 5.62
N GLU B 239 9.95 -35.62 5.80
CA GLU B 239 11.40 -35.42 5.63
C GLU B 239 11.79 -35.62 4.17
N SER B 244 10.92 -38.14 -5.18
CA SER B 244 12.07 -37.75 -6.00
C SER B 244 11.86 -36.36 -6.61
N LEU B 245 10.92 -36.29 -7.57
CA LEU B 245 10.72 -35.10 -8.39
C LEU B 245 10.15 -33.94 -7.56
N SER B 246 11.04 -33.04 -7.14
CA SER B 246 10.65 -31.79 -6.49
C SER B 246 11.09 -30.61 -7.34
N HIS B 247 10.47 -29.47 -7.11
CA HIS B 247 10.91 -28.22 -7.69
C HIS B 247 11.02 -27.21 -6.58
N GLU B 248 12.10 -26.42 -6.61
CA GLU B 248 12.29 -25.32 -5.67
CA GLU B 248 12.29 -25.32 -5.67
C GLU B 248 11.91 -24.03 -6.38
N SER B 249 10.99 -23.26 -5.81
CA SER B 249 10.67 -21.95 -6.34
C SER B 249 11.17 -20.92 -5.35
N LYS B 250 11.68 -19.81 -5.88
CA LYS B 250 12.26 -18.72 -5.08
C LYS B 250 11.21 -17.93 -4.30
N LEU B 251 11.56 -17.56 -3.07
CA LEU B 251 10.81 -16.61 -2.25
C LEU B 251 11.77 -15.61 -1.65
N ASP B 252 11.38 -14.35 -1.63
CA ASP B 252 12.12 -13.31 -0.92
C ASP B 252 11.10 -12.50 -0.14
N PHE B 253 11.10 -12.68 1.18
CA PHE B 253 10.16 -11.95 2.06
C PHE B 253 10.70 -10.62 2.59
N GLY B 254 11.90 -10.21 2.17
CA GLY B 254 12.37 -8.85 2.36
C GLY B 254 13.24 -8.57 3.58
N ASP B 255 13.48 -9.58 4.42
CA ASP B 255 14.42 -9.46 5.54
C ASP B 255 15.72 -10.19 5.18
N PRO B 256 16.82 -9.46 4.93
CA PRO B 256 18.10 -10.08 4.57
C PRO B 256 18.65 -11.07 5.61
N PHE B 257 18.18 -10.96 6.86
CA PHE B 257 18.58 -11.87 7.93
C PHE B 257 18.03 -13.27 7.75
N ARG B 258 16.91 -13.39 7.02
CA ARG B 258 16.20 -14.65 6.85
C ARG B 258 16.24 -15.07 5.38
N LYS B 259 16.11 -16.35 5.14
CA LYS B 259 15.97 -16.90 3.78
C LYS B 259 14.86 -17.92 3.77
N HIS B 260 14.15 -17.99 2.65
CA HIS B 260 13.00 -18.88 2.52
C HIS B 260 12.98 -19.50 1.12
N LYS B 261 12.28 -20.62 0.99
CA LYS B 261 12.06 -21.27 -0.30
C LYS B 261 10.73 -21.99 -0.30
N MET B 262 10.14 -22.15 -1.48
CA MET B 262 8.98 -23.02 -1.65
C MET B 262 9.44 -24.27 -2.37
N ILE B 263 8.98 -25.42 -1.92
CA ILE B 263 9.24 -26.68 -2.58
C ILE B 263 7.90 -27.33 -2.90
N CYS B 264 7.75 -27.78 -4.14
CA CYS B 264 6.56 -28.50 -4.57
C CYS B 264 6.94 -29.85 -5.17
N ARG B 265 6.10 -30.85 -4.91
CA ARG B 265 6.28 -32.23 -5.35
C ARG B 265 4.93 -32.79 -5.76
N TYR B 266 4.93 -33.77 -6.65
CA TYR B 266 3.70 -34.53 -6.89
C TYR B 266 3.50 -35.55 -5.77
N HIS B 267 2.26 -35.96 -5.52
CA HIS B 267 1.96 -36.99 -4.52
C HIS B 267 2.54 -38.34 -4.96
N GLN B 268 2.16 -38.78 -6.15
CA GLN B 268 2.65 -40.05 -6.71
CA GLN B 268 2.65 -40.05 -6.71
C GLN B 268 3.95 -39.80 -7.48
#